data_6DQL
#
_entry.id   6DQL
#
_cell.length_a   94.211
_cell.length_b   94.211
_cell.length_c   179.957
_cell.angle_alpha   90.00
_cell.angle_beta   90.00
_cell.angle_gamma   120.00
#
_symmetry.space_group_name_H-M   'P 32 1 2'
#
loop_
_entity.id
_entity.type
_entity.pdbx_description
1 polymer 'Regulator of Proteinase B RopB'
2 polymer 'SpeB-inducing peptide (SIP)'
3 water water
#
loop_
_entity_poly.entity_id
_entity_poly.type
_entity_poly.pdbx_seq_one_letter_code
_entity_poly.pdbx_strand_id
1 'polypeptide(L)'
;NVDEFLFISNNFKQYKEFIDMDTAKHYFECRNIEGLNHILDSYKDSKSTKEKNLFALVKVLLATLTEEDCLTERTYLSNY
LINIETWSHYETVLFNNCMFIFESCFIEMVFSKVILNLDKYNTLRYYGNESIRMFVNMLILFIQRQEYDKASEILAKIED
YQLNDDCLYERCCVSFFDGIIGLINGKEGAEQKCVQILEIFQLLNCKTIHHMFQTYLEAIKHKLSLEHHHHHH
;
A,B
2 'polypeptide(L)' MWLLLLFL C
#
# COMPACT_ATOMS: atom_id res chain seq x y z
N ASN A 1 -2.10 -8.49 7.46
CA ASN A 1 -2.39 -8.58 6.00
C ASN A 1 -3.70 -7.92 5.56
N VAL A 2 -4.66 -7.87 6.47
CA VAL A 2 -5.98 -7.26 6.20
C VAL A 2 -5.87 -5.72 6.09
N ASP A 3 -5.38 -5.10 7.18
CA ASP A 3 -5.09 -3.67 7.24
C ASP A 3 -4.34 -3.20 5.99
N GLU A 4 -3.32 -3.98 5.61
CA GLU A 4 -2.54 -3.71 4.41
C GLU A 4 -3.46 -3.68 3.22
N PHE A 5 -4.19 -4.77 3.04
CA PHE A 5 -5.19 -4.90 1.94
C PHE A 5 -6.11 -3.71 1.86
N LEU A 6 -6.65 -3.38 3.02
CA LEU A 6 -7.56 -2.24 3.16
C LEU A 6 -6.92 -0.96 2.66
N PHE A 7 -5.69 -0.75 3.14
CA PHE A 7 -4.93 0.47 2.85
C PHE A 7 -4.71 0.59 1.34
N ILE A 8 -4.34 -0.52 0.74
CA ILE A 8 -4.03 -0.51 -0.67
C ILE A 8 -5.28 -0.23 -1.46
N SER A 9 -6.31 -0.98 -1.15
CA SER A 9 -7.56 -0.91 -1.89
C SER A 9 -8.08 0.51 -1.89
N ASN A 10 -7.99 1.16 -0.74
CA ASN A 10 -8.40 2.56 -0.63
C ASN A 10 -7.67 3.45 -1.60
N ASN A 11 -6.38 3.21 -1.74
CA ASN A 11 -5.54 4.07 -2.59
C ASN A 11 -5.31 3.51 -3.98
N PHE A 12 -6.06 2.46 -4.32
CA PHE A 12 -5.87 1.77 -5.56
C PHE A 12 -6.11 2.67 -6.75
N LYS A 13 -7.16 3.45 -6.67
CA LYS A 13 -7.51 4.36 -7.78
C LYS A 13 -6.36 5.31 -8.08
N GLN A 14 -5.81 5.90 -7.03
CA GLN A 14 -4.72 6.88 -7.13
C GLN A 14 -3.49 6.20 -7.77
N TYR A 15 -3.16 5.02 -7.26
CA TYR A 15 -2.14 4.17 -7.89
C TYR A 15 -2.46 3.83 -9.35
N LYS A 16 -3.69 3.41 -9.60
CA LYS A 16 -4.14 3.13 -10.96
C LYS A 16 -3.80 4.29 -11.95
N GLU A 17 -3.95 5.51 -11.47
CA GLU A 17 -3.69 6.70 -12.29
C GLU A 17 -2.22 6.76 -12.72
N PHE A 18 -1.33 6.34 -11.82
CA PHE A 18 0.10 6.24 -12.15
C PHE A 18 0.35 5.25 -13.26
N ILE A 19 -0.37 4.14 -13.22
CA ILE A 19 -0.23 3.10 -14.24
C ILE A 19 -0.69 3.63 -15.62
N ASP A 20 -1.81 4.34 -15.61
CA ASP A 20 -2.34 4.91 -16.83
C ASP A 20 -1.30 5.81 -17.49
N MET A 21 -0.76 6.73 -16.72
CA MET A 21 0.26 7.64 -17.23
C MET A 21 1.43 6.87 -17.86
N ASP A 22 1.95 5.89 -17.14
CA ASP A 22 3.05 5.03 -17.62
C ASP A 22 2.73 4.36 -18.94
N THR A 23 1.58 3.71 -19.00
CA THR A 23 1.15 3.02 -20.24
C THR A 23 0.91 4.01 -21.37
N ALA A 24 0.30 5.13 -21.03
CA ALA A 24 0.08 6.19 -22.00
C ALA A 24 1.37 6.72 -22.57
N LYS A 25 2.39 6.80 -21.72
CA LYS A 25 3.72 7.21 -22.14
C LYS A 25 4.33 6.18 -23.09
N HIS A 26 4.12 4.91 -22.77
CA HIS A 26 4.62 3.82 -23.62
C HIS A 26 4.03 3.92 -25.04
N TYR A 27 2.72 4.05 -25.12
CA TYR A 27 2.04 4.26 -26.39
C TYR A 27 2.66 5.40 -27.21
N PHE A 28 3.07 6.46 -26.51
CA PHE A 28 3.68 7.63 -27.15
C PHE A 28 4.96 7.29 -27.88
N GLU A 29 5.73 6.37 -27.31
CA GLU A 29 6.94 5.86 -27.98
C GLU A 29 6.72 5.40 -29.43
N CYS A 30 5.53 4.85 -29.70
CA CYS A 30 5.21 4.34 -31.04
C CYS A 30 3.72 4.37 -31.38
N ARG A 31 3.08 3.22 -31.23
CA ARG A 31 1.70 2.99 -31.69
C ARG A 31 0.68 3.71 -30.85
N ASN A 32 -0.39 4.17 -31.48
CA ASN A 32 -1.41 4.95 -30.79
C ASN A 32 -2.84 4.64 -31.20
N ILE A 33 -3.06 3.48 -31.83
CA ILE A 33 -4.40 3.06 -32.21
C ILE A 33 -5.30 3.01 -30.99
N GLU A 34 -4.79 2.43 -29.90
CA GLU A 34 -5.46 2.46 -28.61
C GLU A 34 -5.20 3.80 -27.91
N GLY A 35 -4.08 4.43 -28.26
CA GLY A 35 -3.76 5.79 -27.82
C GLY A 35 -4.94 6.76 -27.93
N LEU A 36 -5.69 6.65 -29.02
CA LEU A 36 -6.90 7.45 -29.24
C LEU A 36 -8.07 6.97 -28.40
N ASN A 37 -8.10 5.66 -28.13
CA ASN A 37 -9.19 5.05 -27.36
C ASN A 37 -9.30 5.56 -25.92
N HIS A 38 -8.15 5.81 -25.31
CA HIS A 38 -8.10 6.35 -23.93
C HIS A 38 -8.79 7.69 -23.87
N ILE A 39 -8.59 8.48 -24.92
CA ILE A 39 -9.30 9.76 -25.06
C ILE A 39 -10.81 9.52 -25.16
N LEU A 40 -11.18 8.62 -26.06
CA LEU A 40 -12.60 8.22 -26.23
C LEU A 40 -13.22 7.78 -24.91
N ASP A 41 -12.42 7.11 -24.08
CA ASP A 41 -12.81 6.73 -22.72
C ASP A 41 -13.02 7.93 -21.79
N SER A 42 -12.00 8.78 -21.73
CA SER A 42 -11.96 9.89 -20.75
C SER A 42 -12.40 11.26 -21.29
N TYR A 43 -12.96 11.28 -22.49
CA TYR A 43 -13.47 12.55 -23.06
C TYR A 43 -14.82 12.90 -22.46
N LYS A 44 -15.75 11.97 -22.61
CA LYS A 44 -17.08 12.10 -22.02
C LYS A 44 -17.02 12.01 -20.50
N ASP A 45 -15.97 11.36 -19.98
CA ASP A 45 -15.75 11.28 -18.55
C ASP A 45 -15.41 12.68 -18.05
N SER A 46 -14.15 13.08 -18.16
CA SER A 46 -13.72 14.45 -17.86
C SER A 46 -14.28 15.05 -16.57
N LYS A 47 -14.44 14.24 -15.54
CA LYS A 47 -14.94 14.73 -14.24
C LYS A 47 -13.84 15.02 -13.23
N SER A 48 -13.16 13.99 -12.77
CA SER A 48 -12.12 14.18 -11.76
C SER A 48 -11.01 15.03 -12.35
N THR A 49 -10.42 15.86 -11.51
CA THR A 49 -9.32 16.74 -11.93
C THR A 49 -8.20 15.89 -12.51
N LYS A 50 -7.86 14.82 -11.79
CA LYS A 50 -6.78 13.91 -12.20
C LYS A 50 -7.12 13.16 -13.47
N GLU A 51 -8.41 12.93 -13.69
CA GLU A 51 -8.87 12.27 -14.90
C GLU A 51 -8.85 13.22 -16.10
N LYS A 52 -9.05 14.50 -15.84
CA LYS A 52 -8.85 15.52 -16.87
C LYS A 52 -7.36 15.64 -17.19
N ASN A 53 -6.54 15.56 -16.14
CA ASN A 53 -5.08 15.57 -16.29
C ASN A 53 -4.61 14.47 -17.24
N LEU A 54 -5.02 13.24 -16.96
CA LEU A 54 -4.77 12.11 -17.82
C LEU A 54 -5.20 12.39 -19.26
N PHE A 55 -6.43 12.87 -19.38
CA PHE A 55 -7.00 13.21 -20.69
C PHE A 55 -6.09 14.18 -21.43
N ALA A 56 -5.81 15.29 -20.76
CA ALA A 56 -4.97 16.34 -21.32
C ALA A 56 -3.61 15.81 -21.68
N LEU A 57 -3.08 14.95 -20.85
CA LEU A 57 -1.78 14.34 -21.11
C LEU A 57 -1.80 13.57 -22.42
N VAL A 58 -2.72 12.64 -22.52
CA VAL A 58 -2.86 11.83 -23.74
C VAL A 58 -3.08 12.72 -24.96
N LYS A 59 -3.89 13.75 -24.76
CA LYS A 59 -4.15 14.75 -25.79
C LYS A 59 -2.87 15.32 -26.37
N VAL A 60 -2.07 15.92 -25.52
CA VAL A 60 -0.85 16.59 -25.96
C VAL A 60 0.19 15.59 -26.50
N LEU A 61 0.13 14.37 -26.01
CA LEU A 61 0.98 13.31 -26.55
C LEU A 61 0.58 12.97 -27.98
N LEU A 62 -0.68 12.61 -28.14
CA LEU A 62 -1.28 12.37 -29.45
C LEU A 62 -1.02 13.53 -30.38
N ALA A 63 -1.26 14.74 -29.89
CA ALA A 63 -1.13 15.96 -30.69
C ALA A 63 0.26 16.13 -31.29
N THR A 64 1.28 16.01 -30.45
CA THR A 64 2.67 16.08 -30.91
C THR A 64 3.00 15.06 -32.01
N LEU A 65 2.31 13.93 -31.99
CA LEU A 65 2.47 12.90 -33.01
C LEU A 65 1.75 13.27 -34.30
N THR A 66 0.54 13.81 -34.15
CA THR A 66 -0.26 14.25 -35.30
C THR A 66 0.23 15.62 -35.79
N GLU A 67 -0.40 16.14 -36.84
CA GLU A 67 -0.01 17.43 -37.40
C GLU A 67 -0.54 18.58 -36.54
N GLU A 68 -1.82 18.51 -36.17
CA GLU A 68 -2.42 19.56 -35.33
C GLU A 68 -1.90 19.47 -33.91
N ASP A 69 -1.67 20.63 -33.31
CA ASP A 69 -1.25 20.73 -31.90
C ASP A 69 -2.29 21.52 -31.11
N CYS A 70 -2.85 20.88 -30.08
CA CYS A 70 -3.90 21.50 -29.27
C CYS A 70 -3.32 22.04 -27.95
N LEU A 71 -3.48 23.34 -27.75
CA LEU A 71 -2.81 24.09 -26.67
C LEU A 71 -3.67 24.36 -25.44
N THR A 72 -4.98 24.31 -25.60
CA THR A 72 -5.89 24.51 -24.47
C THR A 72 -5.65 23.47 -23.36
N GLU A 73 -5.26 22.28 -23.77
CA GLU A 73 -4.91 21.21 -22.84
C GLU A 73 -3.53 21.47 -22.28
N ARG A 74 -2.63 21.89 -23.17
CA ARG A 74 -1.28 22.34 -22.78
C ARG A 74 -1.33 23.41 -21.69
N THR A 75 -2.24 24.35 -21.83
CA THR A 75 -2.44 25.39 -20.81
C THR A 75 -3.10 24.79 -19.57
N TYR A 76 -4.01 23.85 -19.79
CA TYR A 76 -4.69 23.21 -18.66
C TYR A 76 -3.70 22.49 -17.76
N LEU A 77 -2.90 21.64 -18.39
CA LEU A 77 -1.86 20.94 -17.67
C LEU A 77 -0.93 21.95 -16.98
N SER A 78 -0.70 23.07 -17.64
CA SER A 78 0.19 24.11 -17.11
C SER A 78 -0.30 24.69 -15.79
N ASN A 79 -1.47 25.28 -15.83
CA ASN A 79 -2.04 25.92 -14.63
C ASN A 79 -2.23 24.95 -13.45
N TYR A 80 -2.55 23.70 -13.77
CA TYR A 80 -2.72 22.67 -12.75
C TYR A 80 -1.49 22.57 -11.86
N LEU A 81 -0.34 22.49 -12.50
CA LEU A 81 0.93 22.31 -11.81
C LEU A 81 1.39 23.59 -11.13
N ILE A 82 1.05 24.71 -11.76
CA ILE A 82 1.40 26.01 -11.22
C ILE A 82 0.66 26.23 -9.91
N ASN A 83 -0.61 25.85 -9.90
CA ASN A 83 -1.43 25.92 -8.68
C ASN A 83 -1.45 24.59 -7.94
N ILE A 84 -0.47 24.40 -7.08
CA ILE A 84 -0.36 23.19 -6.27
C ILE A 84 0.10 23.57 -4.85
N GLU A 85 -0.73 23.26 -3.86
CA GLU A 85 -0.40 23.58 -2.48
C GLU A 85 0.69 22.69 -1.96
N THR A 86 0.59 21.41 -2.23
CA THR A 86 1.60 20.43 -1.81
C THR A 86 1.98 19.50 -2.94
N TRP A 87 3.26 19.51 -3.24
CA TRP A 87 3.79 18.72 -4.35
C TRP A 87 3.96 17.25 -4.00
N SER A 88 3.25 16.41 -4.75
CA SER A 88 3.32 14.96 -4.58
C SER A 88 4.08 14.28 -5.69
N HIS A 89 4.27 12.98 -5.55
CA HIS A 89 4.86 12.15 -6.61
C HIS A 89 4.11 12.30 -7.90
N TYR A 90 2.81 12.14 -7.82
CA TYR A 90 1.91 12.33 -8.98
C TYR A 90 2.26 13.64 -9.70
N GLU A 91 2.45 14.70 -8.93
CA GLU A 91 2.84 15.98 -9.50
C GLU A 91 4.15 15.91 -10.25
N THR A 92 5.12 15.20 -9.70
CA THR A 92 6.40 15.00 -10.38
C THR A 92 6.21 14.22 -11.67
N VAL A 93 5.62 13.05 -11.53
CA VAL A 93 5.45 12.11 -12.63
C VAL A 93 4.71 12.77 -13.78
N LEU A 94 3.73 13.60 -13.43
CA LEU A 94 3.01 14.36 -14.44
C LEU A 94 3.91 15.37 -15.09
N PHE A 95 4.52 16.15 -14.24
CA PHE A 95 5.45 17.19 -14.69
C PHE A 95 6.51 16.66 -15.65
N ASN A 96 7.04 15.50 -15.32
CA ASN A 96 8.03 14.82 -16.18
C ASN A 96 7.45 14.48 -17.49
N ASN A 97 6.32 13.81 -17.46
CA ASN A 97 5.68 13.30 -18.69
C ASN A 97 5.15 14.36 -19.64
N CYS A 98 5.07 15.61 -19.20
CA CYS A 98 4.63 16.70 -20.06
C CYS A 98 5.53 17.94 -20.04
N MET A 99 6.72 17.82 -19.47
CA MET A 99 7.65 18.94 -19.33
C MET A 99 8.02 19.59 -20.65
N PHE A 100 8.21 18.77 -21.68
CA PHE A 100 8.51 19.23 -23.04
C PHE A 100 7.44 20.13 -23.65
N ILE A 101 6.17 19.78 -23.41
CA ILE A 101 5.03 20.61 -23.84
C ILE A 101 5.05 21.97 -23.15
N PHE A 102 5.53 22.00 -21.93
CA PHE A 102 5.42 23.19 -21.08
C PHE A 102 6.32 24.36 -21.48
N GLU A 103 5.77 25.56 -21.35
CA GLU A 103 6.53 26.79 -21.54
C GLU A 103 7.54 26.97 -20.42
N SER A 104 8.71 27.50 -20.75
CA SER A 104 9.80 27.61 -19.81
C SER A 104 9.45 28.43 -18.57
N CYS A 105 8.60 29.43 -18.77
CA CYS A 105 8.15 30.31 -17.68
C CYS A 105 7.47 29.55 -16.56
N PHE A 106 6.70 28.55 -16.94
CA PHE A 106 6.07 27.67 -15.96
C PHE A 106 7.11 26.78 -15.31
N ILE A 107 7.79 26.02 -16.13
CA ILE A 107 8.85 25.13 -15.71
C ILE A 107 9.74 25.73 -14.64
N GLU A 108 10.11 26.98 -14.83
CA GLU A 108 11.02 27.63 -13.87
C GLU A 108 10.37 27.84 -12.52
N MET A 109 9.10 28.20 -12.54
CA MET A 109 8.37 28.43 -11.29
C MET A 109 7.98 27.09 -10.65
N VAL A 110 7.58 26.13 -11.48
CA VAL A 110 7.35 24.78 -11.02
C VAL A 110 8.59 24.27 -10.30
N PHE A 111 9.75 24.54 -10.87
CA PHE A 111 11.02 24.17 -10.28
C PHE A 111 11.18 24.75 -8.91
N SER A 112 10.79 26.00 -8.73
CA SER A 112 10.77 26.63 -7.41
C SER A 112 9.95 25.83 -6.40
N LYS A 113 8.76 25.44 -6.80
CA LYS A 113 7.89 24.56 -6.01
C LYS A 113 8.59 23.25 -5.65
N VAL A 114 9.06 22.54 -6.65
CA VAL A 114 9.60 21.20 -6.47
C VAL A 114 10.89 21.17 -5.68
N ILE A 115 11.54 22.31 -5.51
CA ILE A 115 12.84 22.34 -4.90
C ILE A 115 12.77 22.16 -3.38
N LEU A 116 11.70 22.62 -2.77
CA LEU A 116 11.47 22.37 -1.34
C LEU A 116 11.10 20.90 -1.07
N ASN A 117 10.17 20.40 -1.88
CA ASN A 117 9.53 19.10 -1.65
C ASN A 117 10.30 17.89 -2.17
N LEU A 118 11.62 17.99 -2.23
CA LEU A 118 12.47 16.84 -2.55
C LEU A 118 12.95 16.12 -1.29
N ASP A 119 12.57 16.68 -0.13
CA ASP A 119 12.91 16.13 1.20
C ASP A 119 12.73 14.61 1.26
N LYS A 120 11.60 14.15 0.76
CA LYS A 120 11.22 12.74 0.84
C LYS A 120 12.10 11.87 -0.05
N TYR A 121 12.28 12.31 -1.30
CA TYR A 121 13.17 11.59 -2.25
C TYR A 121 14.59 11.40 -1.69
N ASN A 122 15.05 12.34 -0.90
CA ASN A 122 16.41 12.32 -0.37
C ASN A 122 16.53 11.31 0.71
N THR A 123 15.73 11.44 1.74
CA THR A 123 15.77 10.46 2.88
C THR A 123 15.59 9.05 2.34
N LEU A 124 14.78 8.95 1.30
CA LEU A 124 14.57 7.69 0.62
C LEU A 124 15.82 7.18 -0.07
N ARG A 125 16.64 8.08 -0.56
CA ARG A 125 17.86 7.69 -1.28
C ARG A 125 18.91 7.10 -0.35
N TYR A 126 18.95 7.60 0.89
CA TYR A 126 19.88 7.11 1.90
C TYR A 126 19.78 5.62 2.08
N TYR A 127 18.53 5.14 2.17
CA TYR A 127 18.27 3.72 2.46
C TYR A 127 18.60 2.78 1.32
N GLY A 128 18.84 3.34 0.15
CA GLY A 128 19.41 2.58 -0.97
C GLY A 128 20.81 2.08 -0.62
N ASN A 129 21.54 2.92 0.11
CA ASN A 129 22.91 2.62 0.52
C ASN A 129 22.99 1.86 1.84
N GLU A 130 21.86 1.63 2.49
CA GLU A 130 21.81 0.73 3.68
C GLU A 130 22.28 -0.68 3.35
N SER A 131 22.19 -1.05 2.08
CA SER A 131 22.74 -2.31 1.61
C SER A 131 24.25 -2.24 1.45
N ILE A 132 24.71 -1.11 0.94
CA ILE A 132 26.12 -0.90 0.68
C ILE A 132 26.86 -0.63 1.96
N ARG A 133 26.27 0.22 2.80
CA ARG A 133 26.85 0.53 4.09
C ARG A 133 27.19 -0.79 4.77
N MET A 134 26.29 -1.75 4.65
CA MET A 134 26.51 -3.06 5.23
C MET A 134 27.66 -3.80 4.56
N PHE A 135 27.68 -3.81 3.23
CA PHE A 135 28.76 -4.47 2.47
C PHE A 135 30.16 -4.00 2.81
N VAL A 136 30.32 -2.68 2.95
CA VAL A 136 31.61 -2.10 3.33
C VAL A 136 32.01 -2.52 4.72
N ASN A 137 31.09 -2.43 5.68
CA ASN A 137 31.37 -2.85 7.03
C ASN A 137 31.96 -4.25 7.02
N MET A 138 31.39 -5.14 6.21
CA MET A 138 31.88 -6.48 6.12
C MET A 138 33.35 -6.46 5.69
N LEU A 139 33.63 -5.74 4.63
CA LEU A 139 34.98 -5.60 4.09
C LEU A 139 35.95 -4.99 5.10
N ILE A 140 35.58 -3.81 5.61
CA ILE A 140 36.27 -3.18 6.74
C ILE A 140 36.56 -4.12 7.89
N LEU A 141 35.64 -5.02 8.18
CA LEU A 141 35.83 -6.01 9.24
C LEU A 141 36.69 -7.17 8.84
N PHE A 142 36.57 -7.57 7.59
CA PHE A 142 37.37 -8.68 7.08
C PHE A 142 38.83 -8.35 6.98
N ILE A 143 39.12 -7.12 6.56
CA ILE A 143 40.49 -6.62 6.53
C ILE A 143 41.00 -6.44 7.93
N GLN A 144 40.16 -5.96 8.83
CA GLN A 144 40.52 -5.75 10.24
C GLN A 144 40.87 -7.06 10.96
N ARG A 145 40.36 -8.17 10.43
CA ARG A 145 40.69 -9.53 10.90
C ARG A 145 41.69 -10.23 9.97
N GLN A 146 42.32 -9.42 9.13
CA GLN A 146 43.23 -9.86 8.08
C GLN A 146 42.76 -11.13 7.36
N GLU A 147 41.52 -11.10 6.93
CA GLU A 147 40.98 -12.18 6.09
C GLU A 147 40.88 -11.72 4.66
N TYR A 148 42.03 -11.33 4.12
CA TYR A 148 42.15 -10.86 2.74
C TYR A 148 41.40 -11.68 1.68
N ASP A 149 41.41 -13.00 1.86
CA ASP A 149 40.73 -13.92 0.95
C ASP A 149 39.22 -13.75 1.05
N LYS A 150 38.71 -13.84 2.27
CA LYS A 150 37.28 -13.60 2.55
C LYS A 150 36.80 -12.29 1.94
N ALA A 151 37.53 -11.23 2.23
CA ALA A 151 37.24 -9.90 1.70
C ALA A 151 37.23 -9.88 0.18
N SER A 152 38.16 -10.59 -0.43
CA SER A 152 38.27 -10.63 -1.89
C SER A 152 37.10 -11.39 -2.52
N GLU A 153 36.63 -12.40 -1.80
CA GLU A 153 35.47 -13.20 -2.23
C GLU A 153 34.20 -12.36 -2.24
N ILE A 154 33.98 -11.65 -1.15
CA ILE A 154 32.89 -10.69 -1.03
C ILE A 154 32.85 -9.77 -2.24
N LEU A 155 33.99 -9.17 -2.56
CA LEU A 155 34.11 -8.20 -3.67
C LEU A 155 33.73 -8.81 -5.01
N ALA A 156 34.44 -9.87 -5.35
CA ALA A 156 34.19 -10.63 -6.57
C ALA A 156 32.72 -11.00 -6.70
N LYS A 157 32.12 -11.40 -5.58
CA LYS A 157 30.71 -11.76 -5.56
C LYS A 157 29.81 -10.55 -5.82
N ILE A 158 30.02 -9.50 -5.05
CA ILE A 158 29.20 -8.28 -5.14
C ILE A 158 29.44 -7.44 -6.39
N GLU A 159 30.44 -7.76 -7.18
CA GLU A 159 30.62 -7.10 -8.48
C GLU A 159 29.90 -7.89 -9.57
N ASP A 160 29.79 -9.19 -9.36
CA ASP A 160 29.10 -10.09 -10.26
C ASP A 160 27.60 -9.81 -10.31
N TYR A 161 27.02 -9.56 -9.14
CA TYR A 161 25.57 -9.38 -9.00
C TYR A 161 25.10 -7.95 -8.83
N GLN A 162 26.03 -7.05 -8.54
CA GLN A 162 25.77 -5.61 -8.65
C GLN A 162 26.07 -5.11 -10.07
N LEU A 163 26.75 -5.96 -10.84
CA LEU A 163 27.02 -5.74 -12.28
C LEU A 163 25.91 -4.99 -13.04
N ASN A 164 24.67 -5.32 -12.70
CA ASN A 164 23.48 -4.70 -13.31
C ASN A 164 23.11 -3.29 -12.81
N ASP A 165 23.57 -2.96 -11.61
CA ASP A 165 23.09 -1.77 -10.86
C ASP A 165 23.34 -0.43 -11.53
N ASP A 166 24.52 -0.29 -12.13
CA ASP A 166 24.99 1.00 -12.68
C ASP A 166 24.82 2.16 -11.68
N CYS A 167 25.28 1.95 -10.46
CA CYS A 167 25.32 3.00 -9.42
C CYS A 167 26.76 3.41 -9.13
N LEU A 168 26.96 4.70 -8.88
CA LEU A 168 28.31 5.25 -8.71
C LEU A 168 28.96 4.86 -7.39
N TYR A 169 28.38 5.34 -6.30
CA TYR A 169 28.94 5.14 -4.97
C TYR A 169 29.23 3.68 -4.65
N GLU A 170 28.46 2.82 -5.29
CA GLU A 170 28.79 1.39 -5.32
C GLU A 170 30.13 1.16 -5.99
N ARG A 171 30.18 1.46 -7.28
CA ARG A 171 31.36 1.16 -8.11
C ARG A 171 32.61 1.79 -7.53
N CYS A 172 32.44 2.93 -6.86
CA CYS A 172 33.53 3.55 -6.11
C CYS A 172 34.04 2.60 -5.03
N CYS A 173 33.17 2.31 -4.07
CA CYS A 173 33.52 1.44 -2.94
C CYS A 173 34.17 0.12 -3.35
N VAL A 174 33.66 -0.50 -4.40
CA VAL A 174 34.22 -1.76 -4.85
C VAL A 174 35.61 -1.54 -5.44
N SER A 175 35.78 -0.46 -6.19
CA SER A 175 37.07 -0.13 -6.83
C SER A 175 38.12 0.23 -5.78
N PHE A 176 37.77 1.15 -4.92
CA PHE A 176 38.61 1.53 -3.78
C PHE A 176 39.06 0.31 -3.01
N PHE A 177 38.14 -0.59 -2.72
CA PHE A 177 38.45 -1.78 -1.93
C PHE A 177 39.12 -2.83 -2.76
N ASP A 178 38.85 -2.86 -4.05
CA ASP A 178 39.62 -3.69 -5.00
C ASP A 178 41.05 -3.17 -5.06
N GLY A 179 41.20 -1.88 -4.79
CA GLY A 179 42.49 -1.25 -4.58
C GLY A 179 43.11 -1.73 -3.29
N ILE A 180 42.53 -1.34 -2.18
CA ILE A 180 43.06 -1.58 -0.84
C ILE A 180 43.42 -3.04 -0.55
N ILE A 181 42.74 -3.96 -1.20
CA ILE A 181 43.11 -5.39 -1.15
C ILE A 181 44.45 -5.64 -1.90
N GLY A 182 44.57 -5.07 -3.09
CA GLY A 182 45.80 -5.18 -3.88
C GLY A 182 46.99 -4.52 -3.20
N LEU A 183 46.72 -3.40 -2.54
CA LEU A 183 47.76 -2.62 -1.85
C LEU A 183 48.31 -3.37 -0.65
N ILE A 184 47.42 -3.96 0.14
CA ILE A 184 47.82 -4.75 1.30
C ILE A 184 48.49 -6.04 0.85
N ASN A 185 48.06 -6.55 -0.28
CA ASN A 185 48.75 -7.67 -0.94
C ASN A 185 50.16 -7.27 -1.35
N GLY A 186 50.25 -6.16 -2.09
CA GLY A 186 51.54 -5.58 -2.50
C GLY A 186 51.74 -5.46 -4.00
N LYS A 187 50.64 -5.53 -4.75
CA LYS A 187 50.66 -5.41 -6.21
C LYS A 187 50.68 -3.96 -6.61
N GLU A 188 51.10 -3.69 -7.85
CA GLU A 188 51.45 -2.33 -8.29
C GLU A 188 50.28 -1.36 -8.48
N GLY A 189 49.36 -1.70 -9.38
CA GLY A 189 48.19 -0.84 -9.71
C GLY A 189 47.42 -0.25 -8.54
N ALA A 190 47.40 -0.99 -7.44
CA ALA A 190 46.54 -0.70 -6.29
C ALA A 190 46.85 0.59 -5.52
N GLU A 191 48.12 0.88 -5.32
CA GLU A 191 48.54 2.10 -4.61
C GLU A 191 47.87 3.34 -5.20
N GLN A 192 47.82 3.41 -6.52
CA GLN A 192 47.21 4.52 -7.24
C GLN A 192 45.72 4.32 -7.46
N LYS A 193 45.29 3.07 -7.52
CA LYS A 193 43.88 2.72 -7.69
C LYS A 193 42.98 3.40 -6.66
N CYS A 194 43.36 3.29 -5.41
CA CYS A 194 42.58 3.86 -4.32
C CYS A 194 42.51 5.38 -4.38
N VAL A 195 43.61 6.02 -4.78
CA VAL A 195 43.63 7.46 -4.87
C VAL A 195 42.80 7.95 -6.07
N GLN A 196 42.72 7.13 -7.12
CA GLN A 196 41.97 7.47 -8.32
C GLN A 196 40.52 7.82 -8.01
N ILE A 197 39.91 7.02 -7.13
CA ILE A 197 38.53 7.28 -6.68
C ILE A 197 38.51 8.44 -5.68
N LEU A 198 39.55 8.51 -4.84
CA LEU A 198 39.70 9.60 -3.89
C LEU A 198 39.75 10.97 -4.56
N GLU A 199 40.26 10.98 -5.79
CA GLU A 199 40.19 12.17 -6.65
C GLU A 199 38.74 12.59 -6.84
N ILE A 200 37.94 11.62 -7.25
CA ILE A 200 36.51 11.82 -7.53
C ILE A 200 35.76 12.42 -6.34
N PHE A 201 36.09 11.94 -5.14
CA PHE A 201 35.46 12.43 -3.91
C PHE A 201 35.88 13.86 -3.61
N GLN A 202 37.12 14.17 -3.95
CA GLN A 202 37.63 15.53 -3.81
C GLN A 202 37.12 16.44 -4.94
N LEU A 203 37.23 15.93 -6.17
CA LEU A 203 36.80 16.64 -7.38
C LEU A 203 35.33 17.05 -7.31
N LEU A 204 34.47 16.06 -7.06
CA LEU A 204 33.03 16.30 -6.93
C LEU A 204 32.64 16.95 -5.61
N ASN A 205 33.63 17.25 -4.79
CA ASN A 205 33.48 18.08 -3.58
C ASN A 205 32.66 17.40 -2.49
N CYS A 206 32.94 16.13 -2.26
CA CYS A 206 32.28 15.35 -1.19
C CYS A 206 33.22 15.26 0.00
N LYS A 207 33.44 16.41 0.64
CA LYS A 207 34.45 16.56 1.69
C LYS A 207 34.27 15.58 2.84
N THR A 208 33.02 15.41 3.24
CA THR A 208 32.64 14.48 4.30
C THR A 208 33.12 13.06 4.02
N ILE A 209 32.66 12.50 2.92
CA ILE A 209 32.99 11.12 2.56
C ILE A 209 34.43 10.96 2.07
N HIS A 210 34.94 12.00 1.43
CA HIS A 210 36.34 12.04 1.03
C HIS A 210 37.22 11.83 2.26
N HIS A 211 36.93 12.59 3.30
CA HIS A 211 37.65 12.50 4.57
C HIS A 211 37.74 11.06 5.08
N MET A 212 36.60 10.39 5.14
CA MET A 212 36.51 9.02 5.66
C MET A 212 37.30 8.00 4.83
N PHE A 213 37.07 8.04 3.52
CA PHE A 213 37.80 7.17 2.60
C PHE A 213 39.31 7.43 2.62
N GLN A 214 39.67 8.72 2.71
CA GLN A 214 41.07 9.14 2.78
C GLN A 214 41.72 8.65 4.07
N THR A 215 41.23 9.17 5.20
CA THR A 215 41.78 8.83 6.51
C THR A 215 41.93 7.33 6.71
N TYR A 216 41.01 6.58 6.13
CA TYR A 216 41.07 5.11 6.17
C TYR A 216 42.28 4.59 5.40
N LEU A 217 42.43 5.05 4.17
CA LEU A 217 43.55 4.63 3.32
C LEU A 217 44.90 4.93 3.96
N GLU A 218 45.01 6.10 4.55
CA GLU A 218 46.18 6.48 5.34
C GLU A 218 46.39 5.52 6.49
N ALA A 219 45.32 5.20 7.20
CA ALA A 219 45.36 4.33 8.40
C ALA A 219 45.84 2.91 8.15
N ILE A 220 45.53 2.39 6.98
CA ILE A 220 45.98 1.05 6.57
C ILE A 220 47.39 1.11 6.01
N LYS A 221 47.67 2.18 5.27
CA LYS A 221 49.01 2.47 4.78
C LYS A 221 49.97 2.51 5.97
N HIS A 222 49.51 3.18 7.02
CA HIS A 222 50.17 3.22 8.33
C HIS A 222 50.52 1.82 8.83
N LYS A 223 49.50 0.98 8.97
CA LYS A 223 49.71 -0.38 9.49
C LYS A 223 50.57 -1.25 8.59
N LEU A 224 50.56 -0.96 7.29
CA LEU A 224 51.37 -1.71 6.33
C LEU A 224 52.79 -1.14 6.20
N SER A 225 53.03 0.00 6.83
CA SER A 225 54.37 0.56 6.95
C SER A 225 55.18 -0.40 7.80
N LEU A 226 54.51 -0.95 8.81
CA LEU A 226 55.07 -2.01 9.64
C LEU A 226 55.50 -3.24 8.82
N GLU A 227 54.88 -3.42 7.66
CA GLU A 227 55.33 -4.40 6.66
C GLU A 227 56.32 -3.78 5.67
N ASN B 1 3.40 10.78 -0.51
CA ASN B 1 2.80 10.05 -1.67
C ASN B 1 3.74 9.07 -2.36
N VAL B 2 5.04 9.36 -2.29
CA VAL B 2 6.09 8.51 -2.88
C VAL B 2 6.26 7.17 -2.12
N ASP B 3 6.59 7.27 -0.82
CA ASP B 3 6.63 6.13 0.07
C ASP B 3 5.39 5.21 -0.09
N GLU B 4 4.22 5.84 -0.11
CA GLU B 4 2.97 5.12 -0.31
C GLU B 4 3.05 4.37 -1.63
N PHE B 5 3.28 5.12 -2.70
CA PHE B 5 3.46 4.53 -4.08
C PHE B 5 4.40 3.34 -4.09
N LEU B 6 5.54 3.52 -3.44
CA LEU B 6 6.56 2.49 -3.30
C LEU B 6 6.04 1.25 -2.63
N PHE B 7 5.36 1.52 -1.52
CA PHE B 7 4.77 0.45 -0.70
C PHE B 7 3.74 -0.38 -1.48
N ILE B 8 2.87 0.33 -2.21
CA ILE B 8 1.84 -0.31 -2.94
C ILE B 8 2.45 -1.16 -4.02
N SER B 9 3.31 -0.52 -4.83
CA SER B 9 3.93 -1.19 -5.99
C SER B 9 4.64 -2.49 -5.57
N ASN B 10 5.34 -2.45 -4.45
CA ASN B 10 5.96 -3.66 -3.90
C ASN B 10 4.96 -4.77 -3.62
N ASN B 11 3.81 -4.42 -3.08
CA ASN B 11 2.82 -5.42 -2.71
C ASN B 11 1.71 -5.57 -3.73
N PHE B 12 1.93 -5.00 -4.90
CA PHE B 12 0.92 -5.01 -5.95
C PHE B 12 0.57 -6.41 -6.39
N LYS B 13 1.57 -7.25 -6.55
CA LYS B 13 1.33 -8.62 -6.97
C LYS B 13 0.39 -9.31 -6.00
N GLN B 14 0.67 -9.16 -4.70
CA GLN B 14 -0.11 -9.82 -3.65
C GLN B 14 -1.57 -9.35 -3.74
N TYR B 15 -1.72 -8.04 -3.85
CA TYR B 15 -3.04 -7.46 -4.08
C TYR B 15 -3.67 -7.98 -5.37
N LYS B 16 -2.89 -8.00 -6.45
CA LYS B 16 -3.36 -8.50 -7.75
C LYS B 16 -4.02 -9.90 -7.61
N GLU B 17 -3.44 -10.72 -6.74
CA GLU B 17 -3.96 -12.05 -6.50
C GLU B 17 -5.39 -12.03 -5.91
N PHE B 18 -5.63 -11.06 -5.03
CA PHE B 18 -6.96 -10.84 -4.46
C PHE B 18 -7.96 -10.48 -5.55
N ILE B 19 -7.53 -9.67 -6.48
CA ILE B 19 -8.39 -9.28 -7.60
C ILE B 19 -8.75 -10.51 -8.50
N ASP B 20 -7.76 -11.32 -8.80
CA ASP B 20 -7.95 -12.52 -9.61
C ASP B 20 -9.02 -13.40 -9.00
N MET B 21 -8.88 -13.69 -7.71
CA MET B 21 -9.85 -14.51 -6.98
C MET B 21 -11.25 -13.94 -7.16
N ASP B 22 -11.38 -12.65 -6.87
CA ASP B 22 -12.66 -11.95 -6.96
C ASP B 22 -13.28 -12.08 -8.32
N THR B 23 -12.52 -11.76 -9.36
CA THR B 23 -13.02 -11.84 -10.73
C THR B 23 -13.33 -13.27 -11.12
N ALA B 24 -12.47 -14.19 -10.71
CA ALA B 24 -12.70 -15.62 -10.93
C ALA B 24 -13.97 -16.08 -10.27
N LYS B 25 -14.25 -15.54 -9.09
CA LYS B 25 -15.51 -15.82 -8.36
C LYS B 25 -16.71 -15.29 -9.15
N HIS B 26 -16.56 -14.10 -9.70
CA HIS B 26 -17.61 -13.48 -10.50
C HIS B 26 -17.94 -14.35 -11.71
N TYR B 27 -16.93 -14.75 -12.44
CA TYR B 27 -17.08 -15.66 -13.58
C TYR B 27 -17.88 -16.90 -13.20
N PHE B 28 -17.67 -17.40 -12.01
CA PHE B 28 -18.38 -18.58 -11.48
C PHE B 28 -19.89 -18.35 -11.41
N GLU B 29 -20.27 -17.13 -11.04
CA GLU B 29 -21.67 -16.72 -11.04
C GLU B 29 -22.38 -16.96 -12.36
N CYS B 30 -21.66 -16.87 -13.49
CA CYS B 30 -22.26 -17.08 -14.81
C CYS B 30 -21.29 -17.62 -15.88
N ARG B 31 -20.83 -16.74 -16.76
CA ARG B 31 -20.09 -17.11 -17.97
C ARG B 31 -18.65 -17.53 -17.65
N ASN B 32 -18.12 -18.48 -18.39
CA ASN B 32 -16.81 -19.07 -18.08
C ASN B 32 -15.90 -19.37 -19.27
N ILE B 33 -16.17 -18.76 -20.41
CA ILE B 33 -15.31 -18.96 -21.60
C ILE B 33 -13.84 -18.58 -21.30
N GLU B 34 -13.66 -17.45 -20.63
CA GLU B 34 -12.33 -17.02 -20.18
C GLU B 34 -11.86 -17.80 -18.95
N GLY B 35 -12.82 -18.41 -18.24
CA GLY B 35 -12.53 -19.33 -17.14
C GLY B 35 -11.36 -20.28 -17.43
N LEU B 36 -11.29 -20.78 -18.65
CA LEU B 36 -10.16 -21.60 -19.10
C LEU B 36 -8.90 -20.77 -19.35
N ASN B 37 -9.07 -19.52 -19.77
CA ASN B 37 -7.93 -18.65 -20.07
C ASN B 37 -7.00 -18.45 -18.87
N HIS B 38 -7.59 -18.30 -17.68
CA HIS B 38 -6.79 -18.18 -16.44
C HIS B 38 -5.98 -19.44 -16.28
N ILE B 39 -6.60 -20.56 -16.59
CA ILE B 39 -5.92 -21.85 -16.61
C ILE B 39 -4.81 -21.84 -17.66
N LEU B 40 -5.16 -21.47 -18.88
CA LEU B 40 -4.17 -21.34 -19.97
C LEU B 40 -3.03 -20.44 -19.55
N ASP B 41 -3.36 -19.39 -18.80
CA ASP B 41 -2.38 -18.51 -18.18
C ASP B 41 -1.60 -19.26 -17.11
N SER B 42 -2.32 -19.89 -16.20
CA SER B 42 -1.70 -20.53 -15.02
C SER B 42 -1.47 -22.05 -15.13
N TYR B 43 -1.66 -22.62 -16.31
CA TYR B 43 -1.30 -24.02 -16.56
C TYR B 43 0.16 -24.09 -16.94
N LYS B 44 0.51 -23.36 -18.01
CA LYS B 44 1.89 -23.24 -18.46
C LYS B 44 2.75 -22.55 -17.39
N ASP B 45 2.10 -21.74 -16.56
CA ASP B 45 2.72 -21.16 -15.37
C ASP B 45 2.74 -22.22 -14.27
N SER B 46 1.63 -22.36 -13.54
CA SER B 46 1.45 -23.38 -12.50
C SER B 46 2.62 -23.52 -11.52
N LYS B 47 3.35 -22.42 -11.31
CA LYS B 47 4.45 -22.37 -10.35
C LYS B 47 4.06 -21.39 -9.27
N SER B 48 4.81 -21.40 -8.18
CA SER B 48 4.50 -20.62 -6.97
C SER B 48 3.24 -21.12 -6.27
N THR B 49 3.27 -21.15 -4.96
CA THR B 49 2.17 -21.73 -4.17
C THR B 49 0.86 -21.01 -4.44
N LYS B 50 0.89 -19.69 -4.35
CA LYS B 50 -0.34 -18.88 -4.50
C LYS B 50 -0.91 -18.92 -5.92
N GLU B 51 -0.05 -19.10 -6.89
CA GLU B 51 -0.49 -19.19 -8.27
C GLU B 51 -1.09 -20.56 -8.57
N LYS B 52 -0.61 -21.56 -7.87
CA LYS B 52 -1.23 -22.89 -7.92
C LYS B 52 -2.58 -22.86 -7.24
N ASN B 53 -2.65 -22.13 -6.13
CA ASN B 53 -3.91 -21.91 -5.42
C ASN B 53 -4.98 -21.35 -6.35
N LEU B 54 -4.67 -20.25 -6.98
CA LEU B 54 -5.54 -19.64 -7.97
C LEU B 54 -5.98 -20.66 -9.00
N PHE B 55 -5.00 -21.37 -9.55
CA PHE B 55 -5.24 -22.38 -10.58
C PHE B 55 -6.27 -23.40 -10.07
N ALA B 56 -5.94 -23.98 -8.93
CA ALA B 56 -6.80 -24.98 -8.30
C ALA B 56 -8.19 -24.45 -7.99
N LEU B 57 -8.25 -23.21 -7.54
CA LEU B 57 -9.54 -22.54 -7.31
C LEU B 57 -10.39 -22.49 -8.58
N VAL B 58 -9.85 -21.90 -9.63
CA VAL B 58 -10.56 -21.81 -10.90
C VAL B 58 -10.95 -23.20 -11.38
N LYS B 59 -10.04 -24.14 -11.20
CA LYS B 59 -10.29 -25.56 -11.53
C LYS B 59 -11.58 -26.07 -10.90
N VAL B 60 -11.63 -26.01 -9.58
CA VAL B 60 -12.79 -26.54 -8.85
C VAL B 60 -14.07 -25.72 -9.10
N LEU B 61 -13.91 -24.47 -9.41
CA LEU B 61 -15.04 -23.64 -9.83
C LEU B 61 -15.59 -24.11 -11.18
N LEU B 62 -14.73 -24.12 -12.18
CA LEU B 62 -15.07 -24.65 -13.50
C LEU B 62 -15.67 -26.04 -13.38
N ALA B 63 -15.02 -26.88 -12.59
CA ALA B 63 -15.43 -28.27 -12.39
C ALA B 63 -16.86 -28.37 -11.86
N THR B 64 -17.15 -27.62 -10.81
CA THR B 64 -18.51 -27.56 -10.23
C THR B 64 -19.58 -27.23 -11.26
N LEU B 65 -19.21 -26.43 -12.24
CA LEU B 65 -20.12 -26.07 -13.32
C LEU B 65 -20.28 -27.18 -14.36
N THR B 66 -19.18 -27.79 -14.74
CA THR B 66 -19.20 -28.89 -15.70
C THR B 66 -19.53 -30.23 -15.02
N GLU B 67 -19.55 -31.32 -15.81
CA GLU B 67 -19.80 -32.68 -15.29
C GLU B 67 -18.52 -33.35 -14.81
N GLU B 68 -17.74 -32.67 -13.97
CA GLU B 68 -16.52 -33.25 -13.42
C GLU B 68 -16.35 -32.88 -11.97
N ASP B 69 -15.80 -33.83 -11.21
CA ASP B 69 -15.30 -33.58 -9.86
C ASP B 69 -13.79 -33.86 -9.88
N CYS B 70 -13.00 -32.82 -9.63
CA CYS B 70 -11.55 -32.92 -9.68
C CYS B 70 -10.97 -32.96 -8.29
N LEU B 71 -10.35 -34.08 -7.97
CA LEU B 71 -10.01 -34.42 -6.58
C LEU B 71 -8.63 -33.94 -6.16
N THR B 72 -7.69 -34.03 -7.09
CA THR B 72 -6.31 -33.66 -6.81
C THR B 72 -6.22 -32.17 -6.42
N GLU B 73 -7.04 -31.35 -7.05
CA GLU B 73 -7.05 -29.91 -6.79
C GLU B 73 -7.80 -29.62 -5.53
N ARG B 74 -8.96 -30.26 -5.38
CA ARG B 74 -9.76 -30.14 -4.14
C ARG B 74 -8.94 -30.51 -2.90
N THR B 75 -8.15 -31.55 -3.01
CA THR B 75 -7.23 -31.94 -1.94
C THR B 75 -6.07 -30.95 -1.79
N TYR B 76 -5.57 -30.47 -2.92
CA TYR B 76 -4.50 -29.50 -2.86
C TYR B 76 -4.89 -28.26 -2.09
N LEU B 77 -6.02 -27.69 -2.49
CA LEU B 77 -6.57 -26.54 -1.78
C LEU B 77 -6.78 -26.88 -0.29
N SER B 78 -7.20 -28.10 -0.03
CA SER B 78 -7.49 -28.53 1.32
C SER B 78 -6.29 -28.48 2.22
N ASN B 79 -5.27 -29.24 1.86
CA ASN B 79 -4.02 -29.32 2.66
C ASN B 79 -3.32 -27.95 2.84
N TYR B 80 -3.39 -27.13 1.80
CA TYR B 80 -2.84 -25.79 1.86
C TYR B 80 -3.35 -24.99 3.07
N LEU B 81 -4.65 -24.99 3.24
CA LEU B 81 -5.30 -24.26 4.31
C LEU B 81 -5.15 -24.95 5.66
N ILE B 82 -5.13 -26.27 5.64
CA ILE B 82 -4.91 -27.07 6.84
C ILE B 82 -3.52 -26.78 7.38
N ASN B 83 -2.54 -26.74 6.47
CA ASN B 83 -1.17 -26.37 6.85
C ASN B 83 -0.88 -24.86 6.64
N ILE B 84 -1.17 -24.08 7.66
CA ILE B 84 -0.93 -22.66 7.64
C ILE B 84 -0.41 -22.24 9.00
N GLU B 85 0.82 -21.70 9.04
CA GLU B 85 1.44 -21.29 10.30
C GLU B 85 0.77 -20.03 10.83
N THR B 86 0.54 -19.07 9.95
CA THR B 86 -0.14 -17.83 10.32
C THR B 86 -1.24 -17.47 9.32
N TRP B 87 -2.45 -17.37 9.85
CA TRP B 87 -3.63 -17.10 9.03
C TRP B 87 -3.72 -15.62 8.62
N SER B 88 -3.72 -15.39 7.32
CA SER B 88 -3.88 -14.04 6.74
C SER B 88 -5.24 -13.83 6.13
N HIS B 89 -5.49 -12.60 5.71
CA HIS B 89 -6.70 -12.31 4.94
C HIS B 89 -6.85 -13.21 3.71
N TYR B 90 -5.79 -13.29 2.91
CA TYR B 90 -5.73 -14.19 1.76
C TYR B 90 -6.24 -15.57 2.14
N GLU B 91 -5.80 -16.08 3.27
CA GLU B 91 -6.26 -17.39 3.75
C GLU B 91 -7.76 -17.43 3.95
N THR B 92 -8.31 -16.37 4.52
CA THR B 92 -9.77 -16.27 4.70
C THR B 92 -10.46 -16.25 3.34
N VAL B 93 -10.05 -15.30 2.53
CA VAL B 93 -10.67 -15.07 1.21
C VAL B 93 -10.65 -16.32 0.35
N LEU B 94 -9.54 -17.05 0.45
CA LEU B 94 -9.39 -18.33 -0.23
C LEU B 94 -10.37 -19.32 0.38
N PHE B 95 -10.30 -19.45 1.70
CA PHE B 95 -11.18 -20.36 2.44
C PHE B 95 -12.64 -20.15 2.15
N ASN B 96 -13.04 -18.89 2.09
CA ASN B 96 -14.41 -18.53 1.72
C ASN B 96 -14.77 -18.99 0.34
N ASN B 97 -13.95 -18.62 -0.61
CA ASN B 97 -14.24 -18.90 -2.03
C ASN B 97 -14.25 -20.37 -2.41
N CYS B 98 -13.81 -21.24 -1.54
CA CYS B 98 -13.81 -22.68 -1.84
C CYS B 98 -14.37 -23.52 -0.72
N MET B 99 -15.00 -22.90 0.27
CA MET B 99 -15.50 -23.60 1.46
C MET B 99 -16.47 -24.72 1.12
N PHE B 100 -17.32 -24.46 0.14
CA PHE B 100 -18.30 -25.43 -0.36
C PHE B 100 -17.65 -26.71 -0.91
N ILE B 101 -16.55 -26.57 -1.63
CA ILE B 101 -15.77 -27.71 -2.12
C ILE B 101 -15.23 -28.55 -0.96
N PHE B 102 -14.92 -27.90 0.15
CA PHE B 102 -14.20 -28.51 1.23
C PHE B 102 -15.02 -29.51 2.03
N GLU B 103 -14.37 -30.58 2.44
CA GLU B 103 -14.93 -31.55 3.36
C GLU B 103 -15.04 -30.98 4.76
N SER B 104 -16.11 -31.33 5.45
CA SER B 104 -16.44 -30.74 6.76
C SER B 104 -15.37 -30.92 7.82
N CYS B 105 -14.70 -32.07 7.77
CA CYS B 105 -13.61 -32.36 8.70
C CYS B 105 -12.49 -31.34 8.61
N PHE B 106 -12.21 -30.88 7.40
CA PHE B 106 -11.21 -29.84 7.20
C PHE B 106 -11.78 -28.54 7.73
N ILE B 107 -12.91 -28.14 7.19
CA ILE B 107 -13.62 -26.94 7.59
C ILE B 107 -13.61 -26.74 9.09
N GLU B 108 -13.87 -27.80 9.84
CA GLU B 108 -13.91 -27.67 11.31
C GLU B 108 -12.53 -27.40 11.90
N MET B 109 -11.54 -28.06 11.33
CA MET B 109 -10.14 -27.90 11.78
C MET B 109 -9.55 -26.57 11.27
N VAL B 110 -9.88 -26.19 10.04
CA VAL B 110 -9.59 -24.86 9.52
C VAL B 110 -10.16 -23.81 10.46
N PHE B 111 -11.38 -24.04 10.88
CA PHE B 111 -12.08 -23.17 11.81
C PHE B 111 -11.30 -22.98 13.09
N SER B 112 -10.73 -24.06 13.59
CA SER B 112 -9.87 -24.01 14.77
C SER B 112 -8.75 -22.98 14.59
N LYS B 113 -8.09 -23.06 13.45
CA LYS B 113 -7.06 -22.10 13.07
C LYS B 113 -7.56 -20.67 13.09
N VAL B 114 -8.64 -20.41 12.37
CA VAL B 114 -9.11 -19.03 12.14
C VAL B 114 -9.65 -18.38 13.40
N ILE B 115 -9.87 -19.16 14.44
CA ILE B 115 -10.46 -18.63 15.65
C ILE B 115 -9.50 -17.76 16.45
N LEU B 116 -8.21 -18.10 16.44
CA LEU B 116 -7.21 -17.26 17.08
C LEU B 116 -6.98 -15.97 16.32
N ASN B 117 -6.84 -16.12 15.01
CA ASN B 117 -6.39 -15.02 14.15
C ASN B 117 -7.48 -14.07 13.66
N LEU B 118 -8.53 -13.92 14.45
CA LEU B 118 -9.57 -12.90 14.18
C LEU B 118 -9.31 -11.58 14.93
N ASP B 119 -8.25 -11.58 15.73
CA ASP B 119 -7.83 -10.42 16.53
C ASP B 119 -7.90 -9.10 15.76
N LYS B 120 -7.38 -9.13 14.54
CA LYS B 120 -7.30 -7.93 13.70
C LYS B 120 -8.68 -7.46 13.20
N TYR B 121 -9.47 -8.41 12.70
CA TYR B 121 -10.87 -8.15 12.28
C TYR B 121 -11.72 -7.51 13.37
N ASN B 122 -11.46 -7.85 14.62
CA ASN B 122 -12.23 -7.32 15.75
C ASN B 122 -11.89 -5.88 16.05
N THR B 123 -10.61 -5.62 16.30
CA THR B 123 -10.15 -4.24 16.56
C THR B 123 -10.57 -3.33 15.40
N LEU B 124 -10.57 -3.90 14.22
CA LEU B 124 -11.05 -3.21 13.03
C LEU B 124 -12.54 -2.87 13.07
N ARG B 125 -13.35 -3.69 13.72
CA ARG B 125 -14.77 -3.37 13.83
C ARG B 125 -15.03 -2.18 14.76
N TYR B 126 -14.22 -2.08 15.80
CA TYR B 126 -14.38 -1.00 16.77
C TYR B 126 -14.45 0.36 16.11
N TYR B 127 -13.55 0.58 15.14
CA TYR B 127 -13.44 1.86 14.47
C TYR B 127 -14.57 2.12 13.52
N GLY B 128 -15.33 1.09 13.24
CA GLY B 128 -16.60 1.26 12.52
C GLY B 128 -17.60 2.03 13.38
N ASN B 129 -17.53 1.75 14.67
CA ASN B 129 -18.41 2.37 15.65
C ASN B 129 -17.84 3.66 16.20
N GLU B 130 -16.62 4.00 15.79
CA GLU B 130 -16.02 5.30 16.09
C GLU B 130 -16.86 6.44 15.55
N SER B 131 -17.65 6.15 14.52
CA SER B 131 -18.62 7.10 14.01
C SER B 131 -19.85 7.19 14.92
N ILE B 132 -20.27 6.03 15.39
CA ILE B 132 -21.47 5.92 16.21
C ILE B 132 -21.19 6.39 17.61
N ARG B 133 -20.07 5.92 18.16
CA ARG B 133 -19.60 6.37 19.47
C ARG B 133 -19.63 7.90 19.57
N MET B 134 -19.36 8.56 18.46
CA MET B 134 -19.41 10.00 18.37
C MET B 134 -20.84 10.51 18.32
N PHE B 135 -21.66 9.90 17.48
CA PHE B 135 -23.08 10.31 17.33
C PHE B 135 -23.88 10.31 18.61
N VAL B 136 -23.67 9.27 19.42
CA VAL B 136 -24.34 9.16 20.72
C VAL B 136 -23.87 10.26 21.64
N ASN B 137 -22.56 10.44 21.72
CA ASN B 137 -21.99 11.52 22.56
C ASN B 137 -22.64 12.89 22.29
N MET B 138 -22.96 13.15 21.03
CA MET B 138 -23.61 14.37 20.69
C MET B 138 -24.97 14.41 21.29
N LEU B 139 -25.71 13.34 21.10
CA LEU B 139 -27.06 13.17 21.69
C LEU B 139 -27.04 13.27 23.22
N ILE B 140 -26.25 12.42 23.84
CA ILE B 140 -25.98 12.50 25.25
C ILE B 140 -25.67 13.91 25.72
N LEU B 141 -24.95 14.66 24.92
CA LEU B 141 -24.58 16.06 25.27
C LEU B 141 -25.70 17.02 25.00
N PHE B 142 -26.47 16.77 23.96
CA PHE B 142 -27.57 17.65 23.60
C PHE B 142 -28.70 17.58 24.60
N ILE B 143 -28.97 16.37 25.08
CA ILE B 143 -29.94 16.17 26.16
C ILE B 143 -29.41 16.78 27.45
N GLN B 144 -28.13 16.61 27.73
CA GLN B 144 -27.51 17.12 28.95
C GLN B 144 -27.55 18.64 29.03
N ARG B 145 -27.68 19.28 27.87
CA ARG B 145 -27.84 20.74 27.75
C ARG B 145 -29.28 21.10 27.46
N GLN B 146 -30.14 20.13 27.67
CA GLN B 146 -31.55 20.20 27.34
C GLN B 146 -31.85 20.89 26.01
N GLU B 147 -31.16 20.46 24.97
CA GLU B 147 -31.42 20.94 23.61
C GLU B 147 -32.16 19.86 22.86
N TYR B 148 -33.31 19.51 23.41
CA TYR B 148 -34.24 18.54 22.86
C TYR B 148 -34.47 18.63 21.35
N ASP B 149 -34.54 19.86 20.84
CA ASP B 149 -34.75 20.10 19.40
C ASP B 149 -33.53 19.66 18.60
N LYS B 150 -32.38 20.20 19.00
CA LYS B 150 -31.09 19.83 18.40
C LYS B 150 -30.88 18.32 18.33
N ALA B 151 -31.08 17.68 19.47
CA ALA B 151 -30.97 16.22 19.57
C ALA B 151 -31.90 15.50 18.61
N SER B 152 -33.11 15.99 18.47
CA SER B 152 -34.09 15.36 17.60
C SER B 152 -33.75 15.53 16.13
N GLU B 153 -33.12 16.66 15.82
CA GLU B 153 -32.66 16.94 14.46
C GLU B 153 -31.55 15.97 14.05
N ILE B 154 -30.59 15.80 14.95
CA ILE B 154 -29.52 14.82 14.76
C ILE B 154 -30.09 13.47 14.39
N LEU B 155 -31.05 13.01 15.18
CA LEU B 155 -31.67 11.69 14.99
C LEU B 155 -32.32 11.55 13.62
N ALA B 156 -33.25 12.46 13.35
CA ALA B 156 -33.94 12.53 12.06
C ALA B 156 -32.96 12.55 10.88
N LYS B 157 -31.87 13.29 11.06
CA LYS B 157 -30.83 13.38 10.03
C LYS B 157 -30.12 12.05 9.84
N ILE B 158 -29.63 11.50 10.94
CA ILE B 158 -28.84 10.26 10.90
C ILE B 158 -29.63 9.01 10.59
N GLU B 159 -30.94 9.09 10.57
CA GLU B 159 -31.77 7.94 10.14
C GLU B 159 -32.03 8.02 8.65
N ASP B 160 -32.05 9.24 8.13
CA ASP B 160 -32.23 9.49 6.71
C ASP B 160 -31.05 8.97 5.88
N TYR B 161 -29.84 9.18 6.39
CA TYR B 161 -28.62 8.84 5.65
C TYR B 161 -27.90 7.59 6.12
N GLN B 162 -28.28 7.09 7.29
CA GLN B 162 -27.85 5.76 7.72
C GLN B 162 -28.85 4.72 7.23
N LEU B 163 -30.00 5.20 6.76
CA LEU B 163 -31.05 4.40 6.10
C LEU B 163 -30.53 3.20 5.29
N ASN B 164 -29.43 3.41 4.60
CA ASN B 164 -28.77 2.38 3.77
C ASN B 164 -27.93 1.33 4.52
N ASP B 165 -27.48 1.70 5.71
CA ASP B 165 -26.46 0.94 6.45
C ASP B 165 -26.85 -0.49 6.82
N ASP B 166 -28.12 -0.67 7.20
CA ASP B 166 -28.65 -1.94 7.75
C ASP B 166 -27.71 -2.53 8.81
N CYS B 167 -27.33 -1.71 9.78
CA CYS B 167 -26.55 -2.14 10.94
C CYS B 167 -27.40 -2.11 12.21
N LEU B 168 -27.19 -3.09 13.08
CA LEU B 168 -28.02 -3.26 14.28
C LEU B 168 -27.76 -2.21 15.35
N TYR B 169 -26.56 -2.24 15.93
CA TYR B 169 -26.22 -1.37 17.06
C TYR B 169 -26.49 0.07 16.78
N GLU B 170 -26.45 0.41 15.50
CA GLU B 170 -26.93 1.71 15.01
C GLU B 170 -28.41 1.87 15.29
N ARG B 171 -29.20 1.04 14.63
CA ARG B 171 -30.66 1.12 14.69
C ARG B 171 -31.17 1.04 16.12
N CYS B 172 -30.45 0.31 16.97
CA CYS B 172 -30.73 0.29 18.41
C CYS B 172 -30.58 1.69 18.99
N CYS B 173 -29.38 2.21 18.95
CA CYS B 173 -29.08 3.54 19.49
C CYS B 173 -30.05 4.61 19.03
N VAL B 174 -30.40 4.60 17.76
CA VAL B 174 -31.32 5.60 17.23
C VAL B 174 -32.72 5.39 17.81
N SER B 175 -33.14 4.14 17.92
CA SER B 175 -34.47 3.80 18.46
C SER B 175 -34.56 4.14 19.94
N PHE B 176 -33.61 3.64 20.71
CA PHE B 176 -33.48 3.98 22.13
C PHE B 176 -33.52 5.46 22.39
N PHE B 177 -32.77 6.21 21.61
CA PHE B 177 -32.72 7.66 21.77
C PHE B 177 -33.94 8.35 21.20
N ASP B 178 -34.53 7.77 20.17
CA ASP B 178 -35.84 8.23 19.67
C ASP B 178 -36.89 8.02 20.75
N GLY B 179 -36.63 7.05 21.61
CA GLY B 179 -37.41 6.82 22.81
C GLY B 179 -37.28 7.95 23.82
N ILE B 180 -36.13 8.03 24.47
CA ILE B 180 -35.92 8.95 25.62
C ILE B 180 -36.25 10.39 25.29
N ILE B 181 -36.16 10.76 24.01
CA ILE B 181 -36.61 12.10 23.58
C ILE B 181 -38.14 12.22 23.71
N GLY B 182 -38.85 11.20 23.24
CA GLY B 182 -40.30 11.13 23.41
C GLY B 182 -40.67 11.09 24.88
N LEU B 183 -39.86 10.35 25.64
CA LEU B 183 -40.05 10.16 27.10
C LEU B 183 -39.83 11.45 27.86
N ILE B 184 -38.78 12.17 27.53
CA ILE B 184 -38.50 13.47 28.15
C ILE B 184 -39.52 14.52 27.71
N ASN B 185 -40.00 14.40 26.47
CA ASN B 185 -41.12 15.20 25.98
C ASN B 185 -42.37 14.89 26.78
N GLY B 186 -42.71 13.60 26.84
CA GLY B 186 -43.81 13.10 27.65
C GLY B 186 -44.94 12.38 26.93
N LYS B 187 -44.74 12.01 25.66
CA LYS B 187 -45.76 11.22 24.96
C LYS B 187 -45.59 9.76 25.35
N GLU B 188 -46.67 9.01 25.30
CA GLU B 188 -46.65 7.63 25.77
C GLU B 188 -46.09 6.74 24.67
N GLY B 189 -45.66 5.56 25.08
CA GLY B 189 -45.06 4.59 24.17
C GLY B 189 -43.55 4.73 24.11
N ALA B 190 -43.06 5.95 24.26
CA ALA B 190 -41.62 6.25 24.22
C ALA B 190 -40.92 5.63 25.43
N GLU B 191 -41.58 5.71 26.59
CA GLU B 191 -41.07 5.10 27.80
C GLU B 191 -40.85 3.60 27.60
N GLN B 192 -41.74 2.99 26.84
CA GLN B 192 -41.67 1.56 26.54
C GLN B 192 -40.76 1.26 25.35
N LYS B 193 -40.64 2.23 24.46
CA LYS B 193 -39.72 2.13 23.33
C LYS B 193 -38.30 1.81 23.79
N CYS B 194 -37.85 2.53 24.79
CA CYS B 194 -36.49 2.38 25.31
C CYS B 194 -36.21 1.00 25.90
N VAL B 195 -37.19 0.47 26.61
CA VAL B 195 -37.04 -0.86 27.23
C VAL B 195 -37.05 -1.96 26.16
N GLN B 196 -37.76 -1.73 25.08
CA GLN B 196 -37.87 -2.70 23.98
C GLN B 196 -36.50 -3.11 23.45
N ILE B 197 -35.64 -2.14 23.27
CA ILE B 197 -34.26 -2.39 22.83
C ILE B 197 -33.43 -2.94 24.00
N LEU B 198 -33.71 -2.45 25.20
CA LEU B 198 -33.02 -2.93 26.41
C LEU B 198 -33.23 -4.42 26.63
N GLU B 199 -34.37 -4.91 26.17
CA GLU B 199 -34.65 -6.36 26.14
C GLU B 199 -33.58 -7.06 25.32
N ILE B 200 -33.38 -6.54 24.12
CA ILE B 200 -32.43 -7.10 23.14
C ILE B 200 -31.02 -7.19 23.71
N PHE B 201 -30.62 -6.17 24.45
CA PHE B 201 -29.29 -6.13 25.07
C PHE B 201 -29.15 -7.17 26.18
N GLN B 202 -30.25 -7.38 26.89
CA GLN B 202 -30.32 -8.42 27.92
C GLN B 202 -30.46 -9.81 27.31
N LEU B 203 -31.39 -9.91 26.37
CA LEU B 203 -31.69 -11.17 25.66
C LEU B 203 -30.45 -11.75 24.96
N LEU B 204 -29.82 -10.93 24.14
CA LEU B 204 -28.59 -11.33 23.43
C LEU B 204 -27.36 -11.36 24.31
N ASN B 205 -27.54 -11.07 25.59
CA ASN B 205 -26.52 -11.24 26.64
C ASN B 205 -25.35 -10.28 26.48
N CYS B 206 -25.66 -9.01 26.21
CA CYS B 206 -24.63 -7.96 26.13
C CYS B 206 -24.61 -7.16 27.42
N LYS B 207 -24.16 -7.82 28.48
CA LYS B 207 -24.24 -7.29 29.84
C LYS B 207 -23.56 -5.94 29.99
N THR B 208 -22.38 -5.82 29.38
CA THR B 208 -21.60 -4.58 29.39
C THR B 208 -22.40 -3.39 28.89
N ILE B 209 -22.83 -3.45 27.64
CA ILE B 209 -23.55 -2.32 27.02
C ILE B 209 -24.97 -2.19 27.56
N HIS B 210 -25.57 -3.31 27.92
CA HIS B 210 -26.89 -3.30 28.57
C HIS B 210 -26.85 -2.42 29.82
N HIS B 211 -25.84 -2.65 30.65
CA HIS B 211 -25.62 -1.89 31.87
C HIS B 211 -25.63 -0.38 31.63
N MET B 212 -24.84 0.06 30.67
CA MET B 212 -24.70 1.49 30.35
C MET B 212 -26.01 2.10 29.83
N PHE B 213 -26.61 1.43 28.86
CA PHE B 213 -27.90 1.87 28.33
C PHE B 213 -29.02 1.89 29.38
N GLN B 214 -29.01 0.87 30.24
CA GLN B 214 -29.98 0.76 31.32
C GLN B 214 -29.77 1.89 32.32
N THR B 215 -28.61 1.88 32.98
CA THR B 215 -28.30 2.85 34.03
C THR B 215 -28.57 4.28 33.57
N TYR B 216 -28.35 4.53 32.29
CA TYR B 216 -28.64 5.84 31.69
C TYR B 216 -30.13 6.13 31.69
N LEU B 217 -30.91 5.19 31.18
CA LEU B 217 -32.38 5.34 31.14
C LEU B 217 -33.00 5.59 32.51
N GLU B 218 -32.51 4.84 33.49
CA GLU B 218 -32.86 5.06 34.89
C GLU B 218 -32.47 6.45 35.34
N ALA B 219 -31.25 6.86 35.02
CA ALA B 219 -30.67 8.16 35.43
C ALA B 219 -31.43 9.38 34.91
N ILE B 220 -31.99 9.27 33.70
CA ILE B 220 -32.78 10.35 33.12
C ILE B 220 -34.22 10.29 33.62
N LYS B 221 -34.72 9.07 33.80
CA LYS B 221 -36.02 8.85 34.45
C LYS B 221 -36.02 9.49 35.84
N HIS B 222 -34.92 9.27 36.56
CA HIS B 222 -34.65 9.91 37.86
C HIS B 222 -34.82 11.42 37.80
N LYS B 223 -34.06 12.07 36.94
CA LYS B 223 -34.08 13.54 36.82
C LYS B 223 -35.41 14.08 36.34
N LEU B 224 -36.16 13.26 35.59
CA LEU B 224 -37.45 13.69 35.05
C LEU B 224 -38.56 13.68 36.10
N SER B 225 -38.23 13.27 37.32
CA SER B 225 -39.15 13.47 38.44
C SER B 225 -39.63 14.92 38.59
N LEU B 226 -38.72 15.88 38.36
CA LEU B 226 -39.08 17.29 38.31
C LEU B 226 -40.05 17.60 37.16
N MET C 1 38.59 -8.50 20.12
CA MET C 1 37.66 -7.49 20.69
C MET C 1 38.28 -6.12 20.50
N TRP C 2 38.30 -5.67 19.25
CA TRP C 2 38.77 -4.33 18.90
C TRP C 2 37.63 -3.37 19.24
N LEU C 3 37.95 -2.12 19.58
CA LEU C 3 36.92 -1.09 19.90
C LEU C 3 36.53 -0.16 18.72
N LEU C 4 35.86 -0.75 17.73
CA LEU C 4 35.38 -0.02 16.54
C LEU C 4 33.95 -0.42 16.25
N LEU C 5 33.41 0.10 15.15
CA LEU C 5 32.03 -0.20 14.72
C LEU C 5 31.38 0.86 13.80
N LEU C 6 30.77 0.40 12.70
CA LEU C 6 30.08 1.27 11.73
C LEU C 6 30.98 2.02 10.75
N PHE C 7 31.35 3.27 11.11
CA PHE C 7 32.20 4.16 10.36
C PHE C 7 31.44 4.69 9.13
N LEU C 8 31.86 4.26 7.93
CA LEU C 8 31.25 4.71 6.69
C LEU C 8 29.95 3.92 6.52
#